data_3ECB
#
_entry.id   3ECB
#
_cell.length_a   46.727
_cell.length_b   89.452
_cell.length_c   109.705
_cell.angle_alpha   90.00
_cell.angle_beta   90.00
_cell.angle_gamma   90.00
#
_symmetry.space_group_name_H-M   'P 21 21 21'
#
loop_
_entity.id
_entity.type
_entity.pdbx_description
1 polymer 'H-2 class I histocompatibility antigen, D-D alpha chain'
2 polymer 'Beta-2 microglobulin'
3 polymer 'Peptide P18-I10 from HIV gp160'
4 non-polymer 1,2-ETHANEDIOL
5 non-polymer 'MAGNESIUM ION'
6 water water
#
loop_
_entity_poly.entity_id
_entity_poly.type
_entity_poly.pdbx_seq_one_letter_code
_entity_poly.pdbx_strand_id
1 'polypeptide(L)'
;MSHSLRYFVTAVSRPGFGEPRYMEVGYVDNTEFVRFDSDAENPRYEPRARWIEQEGPEYWERETRRAKGNEQSFRVDLRT
ALRYYNQSAGGSHTLQWMAGCDVESDGRLLRGYWQFAYDGCDYIALNEDLKTWTAADMAAQITRRKWEQAGAAERDRAYL
EGECVEWLRRYLKNGNATLLRTDPPKAHVTHHRRPEGDVTLRCWALGFYPADITLTWQLNGEELTQEMELVETRPAGDGT
FQKWASVVVPLGKEQKYTCHVEHEGLPEPLTLRWGKE
;
A
2 'polypeptide(L)'
;MIQKTPQIQVYSRHPPENGKPNILNCYVTQFHPPHIEIQMLKNGKKIPKVEMSDMSFSKDWSFYILAHTEFTPTETDTYA
CRVKHASMAEPKTVYWDRDM
;
B
3 'polypeptide(L)' RGPGRAFVTI P
#
# COMPACT_ATOMS: atom_id res chain seq x y z
N SER A 2 14.42 3.22 -12.25
CA SER A 2 14.61 4.04 -11.07
C SER A 2 14.11 3.33 -9.82
N HIS A 3 14.40 3.89 -8.66
CA HIS A 3 13.99 3.29 -7.40
C HIS A 3 13.41 4.35 -6.48
N SER A 4 12.78 3.90 -5.40
CA SER A 4 12.20 4.83 -4.45
C SER A 4 12.46 4.39 -3.03
N LEU A 5 12.65 5.35 -2.14
CA LEU A 5 12.62 5.08 -0.71
C LEU A 5 11.47 5.93 -0.19
N ARG A 6 10.52 5.28 0.49
CA ARG A 6 9.31 5.97 0.90
C ARG A 6 8.90 5.59 2.31
N TYR A 7 8.47 6.59 3.09
CA TYR A 7 7.96 6.34 4.42
C TYR A 7 6.50 6.76 4.48
N PHE A 8 5.66 5.86 4.98
CA PHE A 8 4.24 6.13 5.13
C PHE A 8 3.94 6.21 6.62
N VAL A 9 3.45 7.37 7.06
CA VAL A 9 3.24 7.64 8.48
C VAL A 9 1.77 7.95 8.78
N THR A 10 1.23 7.38 9.85
CA THR A 10 -0.17 7.61 10.21
C THR A 10 -0.29 7.84 11.71
N ALA A 11 -0.99 8.91 12.08
CA ALA A 11 -1.36 9.16 13.46
C ALA A 11 -2.88 9.21 13.54
N VAL A 12 -3.47 8.41 14.41
CA VAL A 12 -4.92 8.35 14.51
C VAL A 12 -5.39 8.52 15.95
N SER A 13 -6.21 9.53 16.19
CA SER A 13 -6.67 9.78 17.54
C SER A 13 -7.76 8.78 17.94
N ARG A 14 -7.88 8.55 19.24
CA ARG A 14 -8.88 7.66 19.80
C ARG A 14 -9.28 8.15 21.19
N PRO A 15 -10.01 9.27 21.25
CA PRO A 15 -10.42 9.86 22.53
C PRO A 15 -11.02 8.84 23.48
N GLY A 16 -10.52 8.82 24.71
CA GLY A 16 -11.03 7.92 25.73
C GLY A 16 -10.17 6.70 25.89
N PHE A 17 -9.32 6.44 24.88
CA PHE A 17 -8.41 5.31 24.91
C PHE A 17 -6.97 5.79 24.90
N GLY A 18 -6.78 7.00 25.41
CA GLY A 18 -5.45 7.55 25.58
C GLY A 18 -4.82 8.14 24.33
N GLU A 19 -3.52 7.93 24.19
CA GLU A 19 -2.70 8.55 23.17
C GLU A 19 -3.05 8.06 21.77
N PRO A 20 -2.94 8.94 20.76
CA PRO A 20 -3.19 8.47 19.39
C PRO A 20 -2.23 7.34 19.03
N ARG A 21 -2.69 6.43 18.19
CA ARG A 21 -1.79 5.41 17.67
C ARG A 21 -0.91 6.05 16.61
N TYR A 22 0.39 5.77 16.69
CA TYR A 22 1.35 6.34 15.76
C TYR A 22 2.14 5.23 15.08
N MET A 23 2.19 5.27 13.75
CA MET A 23 2.84 4.22 12.96
C MET A 23 3.67 4.80 11.84
N GLU A 24 4.81 4.19 11.56
CA GLU A 24 5.58 4.49 10.37
C GLU A 24 5.89 3.17 9.68
N VAL A 25 5.88 3.17 8.35
CA VAL A 25 6.29 1.99 7.59
C VAL A 25 7.16 2.45 6.42
N GLY A 26 8.30 1.79 6.23
CA GLY A 26 9.21 2.19 5.18
C GLY A 26 9.30 1.15 4.07
N TYR A 27 9.45 1.65 2.85
CA TYR A 27 9.54 0.82 1.65
C TYR A 27 10.73 1.22 0.79
N VAL A 28 11.44 0.23 0.27
CA VAL A 28 12.29 0.45 -0.91
C VAL A 28 11.52 -0.16 -2.07
N ASP A 29 11.22 0.66 -3.08
CA ASP A 29 10.33 0.24 -4.15
C ASP A 29 9.05 -0.32 -3.54
N ASN A 30 8.70 -1.56 -3.89
CA ASN A 30 7.49 -2.17 -3.32
C ASN A 30 7.76 -3.20 -2.22
N THR A 31 8.90 -3.06 -1.56
CA THR A 31 9.30 -3.99 -0.51
C THR A 31 9.30 -3.32 0.87
N GLU A 32 8.42 -3.76 1.75
CA GLU A 32 8.39 -3.27 3.13
C GLU A 32 9.66 -3.68 3.86
N PHE A 33 10.33 -2.75 4.53
CA PHE A 33 11.59 -3.09 5.21
C PHE A 33 11.74 -2.66 6.67
N VAL A 34 10.99 -1.64 7.11
CA VAL A 34 11.03 -1.21 8.51
C VAL A 34 9.64 -0.79 8.98
N ARG A 35 9.37 -0.89 10.28
CA ARG A 35 8.07 -0.50 10.81
C ARG A 35 8.15 -0.06 12.26
N PHE A 36 7.32 0.92 12.62
CA PHE A 36 7.16 1.39 13.98
C PHE A 36 5.67 1.40 14.32
N ASP A 37 5.32 0.92 15.50
CA ASP A 37 3.93 0.93 15.95
C ASP A 37 3.91 1.29 17.44
N SER A 38 3.33 2.44 17.79
CA SER A 38 3.31 2.86 19.19
C SER A 38 2.51 1.91 20.09
N ASP A 39 1.74 1.02 19.48
CA ASP A 39 0.92 0.08 20.23
C ASP A 39 1.62 -1.26 20.47
N ALA A 40 2.84 -1.39 19.96
CA ALA A 40 3.60 -2.62 20.18
C ALA A 40 4.04 -2.73 21.64
N GLU A 41 4.23 -3.95 22.12
CA GLU A 41 4.95 -4.15 23.37
C GLU A 41 6.34 -3.61 23.11
N ASN A 42 6.75 -2.59 23.86
CA ASN A 42 8.06 -1.98 23.64
C ASN A 42 8.19 -1.45 22.22
N PRO A 43 7.55 -0.30 21.94
CA PRO A 43 7.57 0.36 20.64
C PRO A 43 8.98 0.75 20.21
N ARG A 44 9.46 0.14 19.14
CA ARG A 44 10.76 0.48 18.57
C ARG A 44 10.70 0.25 17.07
N TYR A 45 11.55 0.93 16.32
CA TYR A 45 11.70 0.62 14.92
C TYR A 45 12.10 -0.85 14.78
N GLU A 46 11.43 -1.56 13.87
CA GLU A 46 11.65 -3.00 13.71
C GLU A 46 11.94 -3.35 12.24
N PRO A 47 12.77 -4.40 12.03
CA PRO A 47 13.08 -4.87 10.68
C PRO A 47 11.91 -5.63 10.08
N ARG A 48 11.67 -5.47 8.78
CA ARG A 48 10.57 -6.14 8.12
C ARG A 48 11.03 -6.89 6.87
N ALA A 49 12.32 -6.77 6.57
CA ALA A 49 12.97 -7.56 5.52
C ALA A 49 14.31 -8.02 6.05
N ARG A 50 14.74 -9.19 5.61
CA ARG A 50 15.96 -9.77 6.17
C ARG A 50 17.20 -8.88 5.98
N TRP A 51 17.28 -8.17 4.85
CA TRP A 51 18.50 -7.47 4.49
C TRP A 51 18.78 -6.23 5.34
N ILE A 52 17.75 -5.73 6.01
CA ILE A 52 17.96 -4.58 6.87
C ILE A 52 18.48 -4.99 8.24
N GLU A 53 18.30 -6.27 8.58
CA GLU A 53 18.70 -6.76 9.89
C GLU A 53 20.21 -6.67 10.05
N GLN A 54 20.86 -6.33 8.94
CA GLN A 54 22.30 -6.14 8.89
C GLN A 54 22.72 -4.92 9.71
N GLU A 55 21.84 -3.91 9.74
CA GLU A 55 22.14 -2.65 10.43
C GLU A 55 22.37 -2.83 11.92
N GLY A 56 23.39 -2.15 12.44
CA GLY A 56 23.74 -2.25 13.84
C GLY A 56 22.77 -1.54 14.76
N PRO A 57 22.96 -1.69 16.08
CA PRO A 57 22.10 -1.13 17.13
C PRO A 57 21.91 0.38 17.02
N GLU A 58 22.94 1.09 16.56
CA GLU A 58 22.89 2.55 16.47
C GLU A 58 21.81 3.00 15.48
N TYR A 59 21.66 2.23 14.40
CA TYR A 59 20.63 2.51 13.40
C TYR A 59 19.24 2.40 14.01
N TRP A 60 19.00 1.31 14.72
CA TRP A 60 17.68 1.06 15.29
C TRP A 60 17.36 2.08 16.37
N GLU A 61 18.36 2.41 17.19
CA GLU A 61 18.18 3.41 18.23
C GLU A 61 17.89 4.78 17.63
N ARG A 62 18.64 5.16 16.61
CA ARG A 62 18.46 6.46 15.96
C ARG A 62 17.08 6.58 15.32
N GLU A 63 16.67 5.52 14.62
CA GLU A 63 15.38 5.52 13.95
C GLU A 63 14.21 5.48 14.94
N THR A 64 14.40 4.78 16.06
CA THR A 64 13.38 4.76 17.09
C THR A 64 13.21 6.15 17.71
N ARG A 65 14.33 6.84 17.89
CA ARG A 65 14.32 8.19 18.43
C ARG A 65 13.59 9.16 17.51
N ARG A 66 13.86 9.05 16.21
CA ARG A 66 13.21 9.89 15.22
C ARG A 66 11.71 9.63 15.25
N ALA A 67 11.33 8.36 15.27
CA ALA A 67 9.91 8.01 15.36
C ALA A 67 9.27 8.65 16.59
N LYS A 68 9.93 8.58 17.71
CA LYS A 68 9.36 9.07 18.94
C LYS A 68 9.23 10.59 18.96
N GLY A 69 10.18 11.30 18.39
CA GLY A 69 10.06 12.74 18.26
C GLY A 69 8.93 13.08 17.32
N ASN A 70 8.86 12.33 16.21
CA ASN A 70 7.78 12.51 15.25
C ASN A 70 6.43 12.32 15.92
N GLU A 71 6.31 11.27 16.71
CA GLU A 71 5.05 10.94 17.37
C GLU A 71 4.51 12.14 18.14
N GLN A 72 5.41 12.84 18.81
CA GLN A 72 5.04 13.99 19.64
C GLN A 72 4.48 15.14 18.80
N SER A 73 5.08 15.39 17.65
CA SER A 73 4.60 16.46 16.78
C SER A 73 3.22 16.15 16.21
N PHE A 74 3.00 14.88 15.85
CA PHE A 74 1.70 14.47 15.36
C PHE A 74 0.60 14.58 16.42
N ARG A 75 0.97 14.36 17.68
CA ARG A 75 -0.01 14.55 18.75
C ARG A 75 -0.45 16.01 18.81
N VAL A 76 0.53 16.91 18.69
CA VAL A 76 0.24 18.33 18.64
C VAL A 76 -0.59 18.68 17.42
N ASP A 77 -0.21 18.13 16.27
CA ASP A 77 -0.90 18.44 15.04
C ASP A 77 -2.36 18.00 15.06
N LEU A 78 -2.62 16.83 15.62
CA LEU A 78 -4.00 16.35 15.70
C LEU A 78 -4.84 17.33 16.51
N ARG A 79 -4.28 17.85 17.59
CA ARG A 79 -5.00 18.82 18.42
C ARG A 79 -5.24 20.13 17.68
N THR A 80 -4.21 20.59 16.97
CA THR A 80 -4.33 21.81 16.17
C THR A 80 -5.38 21.66 15.08
N ALA A 81 -5.42 20.49 14.45
CA ALA A 81 -6.40 20.22 13.40
C ALA A 81 -7.83 20.42 13.90
N LEU A 82 -8.11 19.97 15.12
CA LEU A 82 -9.44 20.12 15.70
C LEU A 82 -9.83 21.59 15.74
N ARG A 83 -8.86 22.43 16.09
CA ARG A 83 -9.08 23.87 16.13
C ARG A 83 -9.28 24.46 14.74
N TYR A 84 -8.43 24.08 13.78
CA TYR A 84 -8.54 24.59 12.42
C TYR A 84 -9.90 24.30 11.80
N TYR A 85 -10.46 23.13 12.12
CA TYR A 85 -11.70 22.69 11.49
C TYR A 85 -12.90 22.80 12.43
N ASN A 86 -12.68 23.36 13.60
CA ASN A 86 -13.73 23.50 14.60
C ASN A 86 -14.47 22.19 14.84
N GLN A 87 -13.71 21.14 15.14
CA GLN A 87 -14.27 19.82 15.38
C GLN A 87 -14.26 19.44 16.86
N SER A 88 -15.22 18.63 17.27
CA SER A 88 -15.33 18.17 18.66
C SER A 88 -14.12 17.33 19.06
N ALA A 89 -13.83 17.29 20.35
CA ALA A 89 -12.69 16.51 20.83
C ALA A 89 -13.06 15.05 21.13
N GLY A 90 -14.29 14.67 20.81
CA GLY A 90 -14.76 13.34 21.10
C GLY A 90 -14.53 12.31 20.00
N GLY A 91 -14.22 12.78 18.80
CA GLY A 91 -14.15 11.91 17.64
C GLY A 91 -12.73 11.53 17.23
N SER A 92 -12.63 10.41 16.52
CA SER A 92 -11.33 9.96 16.01
C SER A 92 -11.00 10.64 14.69
N HIS A 93 -9.76 11.09 14.55
CA HIS A 93 -9.31 11.73 13.32
C HIS A 93 -7.96 11.19 12.88
N THR A 94 -7.63 11.40 11.61
CA THR A 94 -6.41 10.83 11.04
C THR A 94 -5.52 11.87 10.39
N LEU A 95 -4.23 11.77 10.65
CA LEU A 95 -3.23 12.55 9.95
C LEU A 95 -2.27 11.59 9.26
N GLN A 96 -2.10 11.76 7.96
CA GLN A 96 -1.17 10.94 7.19
C GLN A 96 -0.06 11.79 6.61
N TRP A 97 1.05 11.12 6.32
CA TRP A 97 2.31 11.78 6.09
C TRP A 97 3.11 10.84 5.19
N MET A 98 3.44 11.29 3.99
CA MET A 98 4.31 10.50 3.11
C MET A 98 5.50 11.35 2.68
N ALA A 99 6.70 10.79 2.82
CA ALA A 99 7.90 11.50 2.42
C ALA A 99 8.88 10.50 1.84
N GLY A 100 9.62 10.94 0.84
CA GLY A 100 10.54 10.04 0.18
C GLY A 100 11.10 10.59 -1.11
N CYS A 101 11.88 9.75 -1.79
CA CYS A 101 12.60 10.19 -2.96
C CYS A 101 12.51 9.15 -4.07
N ASP A 102 12.32 9.60 -5.30
CA ASP A 102 12.44 8.75 -6.48
C ASP A 102 13.81 9.08 -7.06
N VAL A 103 14.60 8.05 -7.32
CA VAL A 103 16.00 8.25 -7.65
C VAL A 103 16.43 7.36 -8.82
N GLU A 104 17.11 7.94 -9.80
CA GLU A 104 17.63 7.15 -10.89
C GLU A 104 18.76 6.28 -10.35
N SER A 105 19.09 5.22 -11.07
CA SER A 105 20.08 4.26 -10.59
C SER A 105 21.46 4.90 -10.50
N ASP A 106 21.65 6.00 -11.21
CA ASP A 106 22.93 6.70 -11.20
C ASP A 106 23.03 7.72 -10.06
N GLY A 107 22.03 7.74 -9.19
CA GLY A 107 22.07 8.62 -8.04
C GLY A 107 21.34 9.94 -8.21
N ARG A 108 20.81 10.18 -9.42
CA ARG A 108 20.10 11.44 -9.67
C ARG A 108 18.71 11.43 -9.05
N LEU A 109 18.37 12.50 -8.33
CA LEU A 109 17.03 12.62 -7.76
C LEU A 109 16.02 12.98 -8.84
N LEU A 110 14.97 12.17 -8.95
CA LEU A 110 13.93 12.43 -9.94
C LEU A 110 12.82 13.27 -9.34
N ARG A 111 12.49 12.99 -8.09
CA ARG A 111 11.35 13.62 -7.43
C ARG A 111 11.41 13.37 -5.94
N GLY A 112 11.13 14.41 -5.16
CA GLY A 112 11.05 14.25 -3.71
C GLY A 112 9.64 14.58 -3.25
N TYR A 113 9.17 13.89 -2.21
CA TYR A 113 7.81 14.06 -1.71
C TYR A 113 7.86 14.40 -0.23
N TRP A 114 6.97 15.28 0.21
CA TRP A 114 6.84 15.57 1.63
C TRP A 114 5.44 16.16 1.79
N GLN A 115 4.47 15.29 2.06
CA GLN A 115 3.06 15.67 1.90
C GLN A 115 2.16 15.04 2.95
N PHE A 116 1.04 15.71 3.22
CA PHE A 116 0.17 15.36 4.34
C PHE A 116 -1.29 15.31 3.92
N ALA A 117 -2.08 14.49 4.62
CA ALA A 117 -3.53 14.46 4.45
C ALA A 117 -4.18 14.41 5.83
N TYR A 118 -5.33 15.07 5.96
CA TYR A 118 -6.10 15.03 7.19
C TYR A 118 -7.46 14.42 6.90
N ASP A 119 -7.85 13.45 7.73
CA ASP A 119 -9.09 12.70 7.54
C ASP A 119 -9.30 12.23 6.09
N GLY A 120 -8.21 11.82 5.45
CA GLY A 120 -8.28 11.18 4.15
C GLY A 120 -8.22 12.10 2.94
N CYS A 121 -8.00 13.38 3.17
CA CYS A 121 -7.99 14.37 2.08
C CYS A 121 -6.71 15.15 2.11
N ASP A 122 -6.23 15.53 0.92
CA ASP A 122 -5.03 16.36 0.80
C ASP A 122 -5.07 17.52 1.78
N TYR A 123 -3.96 17.73 2.46
CA TYR A 123 -3.84 18.89 3.34
C TYR A 123 -2.79 19.87 2.81
N ILE A 124 -1.52 19.45 2.84
CA ILE A 124 -0.46 20.29 2.31
C ILE A 124 0.61 19.40 1.71
N ALA A 125 1.23 19.86 0.61
CA ALA A 125 2.22 19.06 -0.10
C ALA A 125 3.37 19.92 -0.57
N LEU A 126 4.60 19.42 -0.40
CA LEU A 126 5.76 20.10 -0.95
C LEU A 126 5.77 19.95 -2.47
N ASN A 127 5.87 21.07 -3.16
CA ASN A 127 5.86 21.06 -4.63
C ASN A 127 7.13 20.42 -5.19
N GLU A 128 7.13 20.16 -6.49
CA GLU A 128 8.25 19.51 -7.13
C GLU A 128 9.53 20.34 -7.01
N ASP A 129 9.36 21.65 -6.90
CA ASP A 129 10.51 22.54 -6.78
C ASP A 129 11.24 22.37 -5.45
N LEU A 130 10.60 21.64 -4.54
CA LEU A 130 11.14 21.42 -3.19
C LEU A 130 11.39 22.74 -2.46
N LYS A 131 10.61 23.76 -2.82
CA LYS A 131 10.76 25.10 -2.23
C LYS A 131 9.43 25.69 -1.76
N THR A 132 8.33 25.36 -2.45
CA THR A 132 7.03 25.94 -2.13
C THR A 132 6.01 24.87 -1.82
N TRP A 133 4.89 25.27 -1.22
CA TRP A 133 3.88 24.32 -0.78
C TRP A 133 2.55 24.54 -1.50
N THR A 134 1.85 23.45 -1.77
CA THR A 134 0.47 23.53 -2.24
C THR A 134 -0.45 23.22 -1.08
N ALA A 135 -1.33 24.18 -0.75
CA ALA A 135 -2.30 24.03 0.34
C ALA A 135 -3.68 23.73 -0.22
N ALA A 136 -4.33 22.69 0.29
CA ALA A 136 -5.55 22.17 -0.30
C ALA A 136 -6.80 22.93 0.13
N ASP A 137 -6.74 23.58 1.28
CA ASP A 137 -7.89 24.34 1.78
C ASP A 137 -7.42 25.50 2.65
N MET A 138 -8.36 26.20 3.25
CA MET A 138 -8.02 27.42 3.98
C MET A 138 -7.23 27.14 5.26
N ALA A 139 -7.50 25.99 5.88
CA ALA A 139 -6.74 25.58 7.07
C ALA A 139 -5.29 25.37 6.71
N ALA A 140 -5.06 24.70 5.59
CA ALA A 140 -3.70 24.38 5.16
C ALA A 140 -2.93 25.64 4.80
N GLN A 141 -3.66 26.70 4.47
CA GLN A 141 -3.02 27.97 4.13
C GLN A 141 -2.41 28.60 5.37
N ILE A 142 -3.01 28.33 6.53
CA ILE A 142 -2.45 28.80 7.79
C ILE A 142 -1.12 28.11 8.02
N THR A 143 -1.10 26.80 7.76
CA THR A 143 0.10 26.00 7.91
C THR A 143 1.17 26.49 6.92
N ARG A 144 0.76 26.70 5.67
CA ARG A 144 1.68 27.19 4.65
C ARG A 144 2.38 28.47 5.07
N ARG A 145 1.62 29.46 5.50
CA ARG A 145 2.19 30.72 5.95
C ARG A 145 3.21 30.51 7.08
N LYS A 146 2.88 29.62 8.02
CA LYS A 146 3.80 29.30 9.12
C LYS A 146 5.08 28.66 8.64
N TRP A 147 4.95 27.73 7.69
CA TRP A 147 6.10 26.96 7.21
C TRP A 147 6.97 27.79 6.28
N GLU A 148 6.33 28.73 5.57
CA GLU A 148 7.07 29.68 4.76
C GLU A 148 7.89 30.61 5.65
N GLN A 149 7.27 31.09 6.72
CA GLN A 149 7.93 31.95 7.69
C GLN A 149 9.11 31.25 8.35
N ALA A 150 8.95 29.95 8.60
CA ALA A 150 9.95 29.18 9.33
C ALA A 150 11.01 28.62 8.41
N GLY A 151 10.81 28.75 7.11
CA GLY A 151 11.72 28.19 6.12
C GLY A 151 11.76 26.68 6.23
N ALA A 152 10.61 26.07 6.50
CA ALA A 152 10.52 24.64 6.72
C ALA A 152 11.01 23.82 5.53
N ALA A 153 10.73 24.29 4.33
CA ALA A 153 11.04 23.50 3.13
C ALA A 153 12.54 23.23 2.98
N GLU A 154 13.36 24.15 3.46
CA GLU A 154 14.81 24.04 3.27
C GLU A 154 15.37 22.74 3.87
N ARG A 155 15.03 22.46 5.12
CA ARG A 155 15.56 21.24 5.74
C ARG A 155 14.90 19.99 5.16
N ASP A 156 13.66 20.13 4.71
CA ASP A 156 12.97 19.00 4.07
C ASP A 156 13.68 18.68 2.76
N ARG A 157 13.95 19.71 1.97
CA ARG A 157 14.69 19.56 0.72
C ARG A 157 16.03 18.88 0.99
N ALA A 158 16.70 19.28 2.05
CA ALA A 158 18.00 18.72 2.38
C ALA A 158 17.94 17.21 2.59
N TYR A 159 16.89 16.75 3.28
CA TYR A 159 16.69 15.33 3.50
C TYR A 159 16.47 14.60 2.20
N LEU A 160 15.57 15.14 1.37
CA LEU A 160 15.19 14.49 0.13
C LEU A 160 16.35 14.38 -0.86
N GLU A 161 17.19 15.41 -0.91
CA GLU A 161 18.32 15.42 -1.84
C GLU A 161 19.55 14.71 -1.26
N GLY A 162 19.60 14.59 0.06
CA GLY A 162 20.77 14.06 0.73
C GLY A 162 20.56 12.69 1.33
N GLU A 163 20.16 12.65 2.61
CA GLU A 163 20.00 11.39 3.33
C GLU A 163 19.15 10.39 2.57
N CYS A 164 18.03 10.84 2.01
CA CYS A 164 17.10 9.93 1.37
C CYS A 164 17.79 9.22 0.21
N VAL A 165 18.49 9.99 -0.60
CA VAL A 165 19.23 9.43 -1.73
C VAL A 165 20.36 8.51 -1.26
N GLU A 166 21.12 8.96 -0.27
CA GLU A 166 22.29 8.21 0.15
C GLU A 166 21.92 6.87 0.78
N TRP A 167 20.89 6.88 1.62
CA TRP A 167 20.47 5.64 2.26
C TRP A 167 19.80 4.68 1.28
N LEU A 168 19.02 5.22 0.35
CA LEU A 168 18.44 4.39 -0.70
C LEU A 168 19.55 3.60 -1.41
N ARG A 169 20.61 4.28 -1.78
CA ARG A 169 21.75 3.63 -2.44
C ARG A 169 22.31 2.49 -1.60
N ARG A 170 22.45 2.72 -0.30
CA ARG A 170 22.99 1.73 0.63
C ARG A 170 22.05 0.53 0.74
N TYR A 171 20.75 0.80 0.80
CA TYR A 171 19.77 -0.27 0.89
C TYR A 171 19.79 -1.16 -0.36
N LEU A 172 19.83 -0.52 -1.53
CA LEU A 172 19.82 -1.25 -2.80
C LEU A 172 21.04 -2.14 -2.93
N LYS A 173 22.17 -1.65 -2.45
CA LYS A 173 23.40 -2.44 -2.46
C LYS A 173 23.29 -3.65 -1.54
N ASN A 174 22.91 -3.39 -0.28
CA ASN A 174 22.82 -4.45 0.72
C ASN A 174 21.72 -5.48 0.42
N GLY A 175 20.59 -5.04 -0.12
CA GLY A 175 19.51 -5.96 -0.42
C GLY A 175 19.39 -6.35 -1.89
N ASN A 176 20.47 -6.22 -2.66
CA ASN A 176 20.37 -6.36 -4.10
C ASN A 176 19.76 -7.69 -4.58
N ALA A 177 20.03 -8.77 -3.86
CA ALA A 177 19.60 -10.09 -4.31
C ALA A 177 18.08 -10.20 -4.41
N THR A 178 17.37 -9.34 -3.68
CA THR A 178 15.92 -9.31 -3.79
C THR A 178 15.44 -8.02 -4.42
N LEU A 179 16.06 -6.90 -4.04
CA LEU A 179 15.57 -5.60 -4.48
C LEU A 179 15.82 -5.31 -5.96
N LEU A 180 16.91 -5.82 -6.51
CA LEU A 180 17.25 -5.49 -7.89
C LEU A 180 16.63 -6.43 -8.93
N ARG A 181 15.79 -7.34 -8.52
CA ARG A 181 15.14 -8.26 -9.40
C ARG A 181 14.21 -7.57 -10.39
N THR A 182 14.06 -8.17 -11.56
CA THR A 182 12.93 -7.83 -12.41
C THR A 182 12.31 -9.17 -12.80
N ASP A 183 11.12 -9.42 -12.30
CA ASP A 183 10.40 -10.65 -12.61
C ASP A 183 9.25 -10.26 -13.53
N PRO A 184 9.27 -10.72 -14.78
CA PRO A 184 8.19 -10.33 -15.69
C PRO A 184 6.92 -11.04 -15.33
N PRO A 185 5.77 -10.46 -15.66
CA PRO A 185 4.49 -11.14 -15.44
C PRO A 185 4.43 -12.42 -16.27
N LYS A 186 3.93 -13.49 -15.65
CA LYS A 186 3.48 -14.66 -16.39
C LYS A 186 1.98 -14.47 -16.58
N ALA A 187 1.53 -14.49 -17.84
CA ALA A 187 0.18 -14.07 -18.15
C ALA A 187 -0.60 -15.12 -18.93
N HIS A 188 -1.90 -15.17 -18.70
CA HIS A 188 -2.77 -16.07 -19.44
C HIS A 188 -4.21 -15.61 -19.32
N VAL A 189 -5.07 -16.17 -20.15
CA VAL A 189 -6.49 -15.84 -20.15
C VAL A 189 -7.29 -17.08 -19.79
N THR A 190 -8.20 -16.93 -18.83
CA THR A 190 -9.13 -18.01 -18.50
C THR A 190 -10.51 -17.72 -19.07
N HIS A 191 -11.24 -18.79 -19.34
CA HIS A 191 -12.52 -18.75 -20.01
C HIS A 191 -13.57 -19.34 -19.08
N HIS A 192 -14.61 -18.58 -18.79
CA HIS A 192 -15.68 -19.03 -17.89
C HIS A 192 -17.05 -18.84 -18.50
N ARG A 193 -17.73 -19.93 -18.84
CA ARG A 193 -19.07 -19.81 -19.39
C ARG A 193 -20.07 -19.42 -18.30
N ARG A 194 -20.87 -18.40 -18.58
CA ARG A 194 -21.87 -17.92 -17.63
C ARG A 194 -23.22 -18.59 -17.87
N PRO A 195 -24.04 -18.68 -16.81
CA PRO A 195 -25.38 -19.27 -16.97
C PRO A 195 -26.23 -18.44 -17.92
N GLU A 196 -25.86 -17.17 -18.10
CA GLU A 196 -26.56 -16.27 -18.99
C GLU A 196 -26.32 -16.61 -20.46
N GLY A 197 -25.35 -17.48 -20.72
CA GLY A 197 -25.09 -17.92 -22.08
C GLY A 197 -23.95 -17.16 -22.75
N ASP A 198 -23.36 -16.21 -22.03
CA ASP A 198 -22.14 -15.56 -22.51
C ASP A 198 -20.92 -15.98 -21.67
N VAL A 199 -19.83 -15.25 -21.79
CA VAL A 199 -18.53 -15.69 -21.26
C VAL A 199 -17.79 -14.59 -20.51
N THR A 200 -17.17 -14.94 -19.39
CA THR A 200 -16.22 -14.06 -18.72
C THR A 200 -14.82 -14.48 -19.15
N LEU A 201 -14.07 -13.54 -19.72
CA LEU A 201 -12.67 -13.75 -19.99
C LEU A 201 -11.89 -13.03 -18.90
N ARG A 202 -10.97 -13.74 -18.26
CA ARG A 202 -10.16 -13.14 -17.22
C ARG A 202 -8.69 -13.18 -17.60
N CYS A 203 -8.09 -12.01 -17.73
CA CYS A 203 -6.68 -11.92 -18.05
C CYS A 203 -5.87 -11.83 -16.76
N TRP A 204 -4.98 -12.80 -16.57
CA TRP A 204 -4.17 -12.91 -15.35
C TRP A 204 -2.72 -12.49 -15.57
N ALA A 205 -2.17 -11.78 -14.59
CA ALA A 205 -0.73 -11.49 -14.53
C ALA A 205 -0.21 -11.93 -13.17
N LEU A 206 0.76 -12.84 -13.18
CA LEU A 206 1.23 -13.46 -11.95
C LEU A 206 2.75 -13.42 -11.82
N GLY A 207 3.21 -13.37 -10.57
CA GLY A 207 4.63 -13.49 -10.26
C GLY A 207 5.54 -12.35 -10.68
N PHE A 208 5.01 -11.14 -10.80
CA PHE A 208 5.82 -10.02 -11.27
C PHE A 208 6.37 -9.11 -10.16
N TYR A 209 7.50 -8.47 -10.46
CA TYR A 209 8.10 -7.46 -9.59
C TYR A 209 8.97 -6.57 -10.48
N PRO A 210 8.93 -5.25 -10.27
CA PRO A 210 8.14 -4.56 -9.25
C PRO A 210 6.65 -4.57 -9.53
N ALA A 211 5.89 -3.87 -8.70
CA ALA A 211 4.44 -3.97 -8.76
C ALA A 211 3.79 -3.19 -9.90
N ASP A 212 4.45 -2.17 -10.41
CA ASP A 212 3.88 -1.40 -11.48
C ASP A 212 3.57 -2.24 -12.71
N ILE A 213 2.33 -2.16 -13.16
CA ILE A 213 1.88 -2.95 -14.29
C ILE A 213 0.63 -2.31 -14.91
N THR A 214 0.41 -2.52 -16.20
CA THR A 214 -0.87 -2.20 -16.80
C THR A 214 -1.46 -3.44 -17.45
N LEU A 215 -2.77 -3.61 -17.27
CA LEU A 215 -3.47 -4.77 -17.78
C LEU A 215 -4.73 -4.19 -18.40
N THR A 216 -4.93 -4.42 -19.70
CA THR A 216 -6.06 -3.81 -20.38
C THR A 216 -6.64 -4.74 -21.44
N TRP A 217 -7.96 -4.68 -21.63
CA TRP A 217 -8.64 -5.44 -22.66
C TRP A 217 -8.95 -4.52 -23.83
N GLN A 218 -8.84 -5.04 -25.06
CA GLN A 218 -9.20 -4.29 -26.25
C GLN A 218 -10.15 -5.07 -27.15
N LEU A 219 -11.01 -4.34 -27.85
CA LEU A 219 -11.81 -4.90 -28.92
C LEU A 219 -11.75 -3.96 -30.12
N ASN A 220 -11.36 -4.49 -31.28
CA ASN A 220 -11.24 -3.67 -32.48
C ASN A 220 -10.42 -2.40 -32.24
N GLY A 221 -9.34 -2.54 -31.48
CA GLY A 221 -8.44 -1.42 -31.23
C GLY A 221 -8.89 -0.45 -30.15
N GLU A 222 -10.06 -0.68 -29.58
CA GLU A 222 -10.59 0.20 -28.56
C GLU A 222 -10.40 -0.39 -27.17
N GLU A 223 -9.86 0.38 -26.25
CA GLU A 223 -9.71 -0.10 -24.87
C GLU A 223 -11.07 -0.15 -24.18
N LEU A 224 -11.31 -1.24 -23.47
CA LEU A 224 -12.61 -1.49 -22.83
C LEU A 224 -12.60 -1.03 -21.37
N THR A 225 -12.10 0.18 -21.15
CA THR A 225 -11.90 0.74 -19.81
C THR A 225 -13.12 0.64 -18.90
N GLN A 226 -14.26 1.10 -19.41
CA GLN A 226 -15.46 1.18 -18.56
C GLN A 226 -16.12 -0.17 -18.35
N GLU A 227 -15.81 -1.11 -19.24
CA GLU A 227 -16.42 -2.44 -19.20
C GLU A 227 -15.71 -3.41 -18.28
N MET A 228 -14.40 -3.27 -18.16
CA MET A 228 -13.67 -4.32 -17.48
C MET A 228 -13.76 -4.21 -15.96
N GLU A 229 -13.66 -5.35 -15.31
CA GLU A 229 -13.43 -5.40 -13.88
C GLU A 229 -11.93 -5.59 -13.65
N LEU A 230 -11.34 -4.73 -12.85
CA LEU A 230 -9.89 -4.72 -12.68
C LEU A 230 -9.54 -4.63 -11.21
N VAL A 231 -8.89 -5.65 -10.67
CA VAL A 231 -8.61 -5.65 -9.24
C VAL A 231 -7.32 -4.92 -8.92
N GLU A 232 -7.18 -4.49 -7.67
CA GLU A 232 -5.96 -3.84 -7.25
C GLU A 232 -4.82 -4.84 -7.32
N THR A 233 -3.66 -4.36 -7.77
CA THR A 233 -2.45 -5.17 -7.76
C THR A 233 -2.18 -5.64 -6.33
N ARG A 234 -1.84 -6.91 -6.18
CA ARG A 234 -1.82 -7.53 -4.85
C ARG A 234 -0.56 -8.35 -4.60
N PRO A 235 -0.06 -8.32 -3.35
CA PRO A 235 1.14 -9.08 -3.00
C PRO A 235 0.84 -10.57 -2.88
N ALA A 236 1.70 -11.41 -3.44
CA ALA A 236 1.53 -12.85 -3.30
C ALA A 236 2.14 -13.33 -1.98
N GLY A 237 2.93 -12.46 -1.36
CA GLY A 237 3.58 -12.79 -0.10
C GLY A 237 4.87 -13.57 -0.30
N ASP A 238 5.44 -13.46 -1.49
CA ASP A 238 6.72 -14.10 -1.80
C ASP A 238 7.62 -13.12 -2.53
N GLY A 239 7.32 -11.83 -2.38
CA GLY A 239 8.10 -10.78 -3.02
C GLY A 239 7.62 -10.45 -4.42
N THR A 240 6.56 -11.11 -4.88
CA THR A 240 6.00 -10.83 -6.21
C THR A 240 4.56 -10.36 -6.09
N PHE A 241 4.00 -9.94 -7.21
CA PHE A 241 2.64 -9.39 -7.23
C PHE A 241 1.74 -10.08 -8.26
N GLN A 242 0.43 -9.84 -8.15
CA GLN A 242 -0.55 -10.43 -9.05
C GLN A 242 -1.59 -9.36 -9.42
N LYS A 243 -2.27 -9.55 -10.54
CA LYS A 243 -3.36 -8.69 -10.94
C LYS A 243 -4.22 -9.43 -11.97
N TRP A 244 -5.50 -9.10 -12.05
CA TRP A 244 -6.30 -9.63 -13.14
C TRP A 244 -7.32 -8.60 -13.62
N ALA A 245 -7.75 -8.75 -14.87
CA ALA A 245 -8.78 -7.90 -15.46
C ALA A 245 -9.72 -8.80 -16.23
N SER A 246 -11.01 -8.52 -16.18
CA SER A 246 -11.98 -9.38 -16.84
C SER A 246 -12.98 -8.57 -17.67
N VAL A 247 -13.51 -9.20 -18.70
CA VAL A 247 -14.61 -8.63 -19.48
C VAL A 247 -15.62 -9.74 -19.76
N VAL A 248 -16.85 -9.33 -20.06
CA VAL A 248 -17.89 -10.26 -20.44
C VAL A 248 -18.13 -10.17 -21.94
N VAL A 249 -18.08 -11.31 -22.62
CA VAL A 249 -18.08 -11.34 -24.08
C VAL A 249 -19.04 -12.42 -24.59
N PRO A 250 -19.48 -12.29 -25.85
CA PRO A 250 -20.42 -13.25 -26.42
C PRO A 250 -19.73 -14.58 -26.70
N LEU A 251 -20.45 -15.67 -26.45
CA LEU A 251 -19.97 -16.99 -26.82
C LEU A 251 -19.71 -17.02 -28.32
N GLY A 252 -18.52 -17.44 -28.71
CA GLY A 252 -18.18 -17.53 -30.11
C GLY A 252 -17.49 -16.30 -30.68
N LYS A 253 -17.30 -15.28 -29.84
CA LYS A 253 -16.60 -14.08 -30.26
C LYS A 253 -15.39 -13.79 -29.38
N GLU A 254 -14.91 -14.96 -28.67
CA GLU A 254 -13.85 -14.70 -27.71
C GLU A 254 -12.60 -14.17 -28.40
N GLN A 255 -12.41 -14.71 -29.50
CA GLN A 255 -11.17 -14.49 -30.23
C GLN A 255 -10.96 -13.05 -30.68
N LYS A 256 -12.02 -12.23 -30.65
CA LYS A 256 -11.92 -10.83 -31.08
C LYS A 256 -11.26 -9.95 -30.02
N TYR A 257 -11.22 -10.44 -28.78
CA TYR A 257 -10.75 -9.65 -27.65
C TYR A 257 -9.30 -9.94 -27.34
N THR A 258 -8.54 -8.89 -27.04
CA THR A 258 -7.15 -9.07 -26.65
C THR A 258 -6.84 -8.44 -25.30
N CYS A 259 -5.99 -9.11 -24.53
CA CYS A 259 -5.49 -8.57 -23.28
C CYS A 259 -4.06 -8.10 -23.49
N HIS A 260 -3.76 -6.90 -22.98
CA HIS A 260 -2.46 -6.28 -23.20
C HIS A 260 -1.79 -6.05 -21.86
N VAL A 261 -0.54 -6.51 -21.75
CA VAL A 261 0.18 -6.46 -20.48
C VAL A 261 1.45 -5.65 -20.65
N GLU A 262 1.61 -4.59 -19.87
CA GLU A 262 2.83 -3.78 -19.90
C GLU A 262 3.55 -3.88 -18.56
N HIS A 263 4.87 -4.08 -18.58
CA HIS A 263 5.68 -4.22 -17.38
C HIS A 263 7.13 -3.96 -17.73
N GLU A 264 7.91 -3.49 -16.77
CA GLU A 264 9.31 -3.18 -17.03
C GLU A 264 10.08 -4.43 -17.48
N GLY A 265 9.64 -5.60 -17.03
CA GLY A 265 10.23 -6.86 -17.43
C GLY A 265 9.81 -7.33 -18.82
N LEU A 266 8.97 -6.54 -19.49
CA LEU A 266 8.48 -6.89 -20.83
C LEU A 266 8.89 -5.85 -21.87
N PRO A 267 10.07 -6.03 -22.47
CA PRO A 267 10.52 -5.07 -23.50
C PRO A 267 9.46 -4.83 -24.56
N GLU A 268 8.79 -5.89 -25.02
CA GLU A 268 7.58 -5.71 -25.81
C GLU A 268 6.40 -6.13 -24.95
N PRO A 269 5.36 -5.29 -24.88
CA PRO A 269 4.19 -5.69 -24.12
C PRO A 269 3.61 -6.98 -24.66
N LEU A 270 2.93 -7.73 -23.80
CA LEU A 270 2.24 -8.93 -24.23
C LEU A 270 0.87 -8.58 -24.77
N THR A 271 0.47 -9.30 -25.81
CA THR A 271 -0.90 -9.32 -26.29
C THR A 271 -1.36 -10.77 -26.21
N LEU A 272 -2.43 -11.01 -25.46
CA LEU A 272 -2.98 -12.35 -25.31
C LEU A 272 -4.39 -12.39 -25.90
N ARG A 273 -4.73 -13.53 -26.50
CA ARG A 273 -6.03 -13.70 -27.13
C ARG A 273 -6.49 -15.11 -26.83
N TRP A 274 -7.71 -15.27 -26.36
CA TRP A 274 -8.19 -16.61 -26.06
C TRP A 274 -8.40 -17.44 -27.32
N ILE B 2 -19.11 5.28 6.58
CA ILE B 2 -17.93 6.12 6.74
C ILE B 2 -17.14 6.20 5.41
N GLN B 3 -16.32 7.23 5.26
CA GLN B 3 -15.77 7.63 3.95
C GLN B 3 -15.45 6.67 2.79
N LYS B 4 -14.59 5.67 3.00
CA LYS B 4 -14.29 4.69 1.94
C LYS B 4 -14.37 3.22 2.35
N THR B 5 -15.18 2.44 1.61
CA THR B 5 -15.41 1.04 1.92
C THR B 5 -14.27 0.13 1.44
N PRO B 6 -13.84 -0.81 2.30
CA PRO B 6 -12.74 -1.71 1.94
C PRO B 6 -13.08 -2.63 0.75
N GLN B 7 -12.06 -2.87 -0.08
CA GLN B 7 -12.19 -3.82 -1.18
C GLN B 7 -11.35 -5.06 -0.86
N ILE B 8 -11.99 -6.22 -0.81
CA ILE B 8 -11.40 -7.42 -0.21
C ILE B 8 -11.09 -8.48 -1.26
N GLN B 9 -9.83 -8.92 -1.29
CA GLN B 9 -9.45 -10.04 -2.16
C GLN B 9 -8.92 -11.19 -1.32
N VAL B 10 -9.39 -12.40 -1.63
CA VAL B 10 -8.94 -13.60 -0.95
C VAL B 10 -8.34 -14.54 -2.00
N TYR B 11 -7.07 -14.88 -1.83
CA TYR B 11 -6.36 -15.58 -2.89
C TYR B 11 -5.11 -16.25 -2.35
N SER B 12 -4.54 -17.17 -3.13
CA SER B 12 -3.35 -17.87 -2.70
C SER B 12 -2.09 -17.34 -3.39
N ARG B 13 -0.95 -17.57 -2.76
CA ARG B 13 0.32 -17.16 -3.33
C ARG B 13 0.55 -17.81 -4.69
N HIS B 14 0.31 -19.13 -4.73
CA HIS B 14 0.49 -19.91 -5.95
C HIS B 14 -0.84 -20.53 -6.34
N PRO B 15 -1.02 -20.81 -7.64
CA PRO B 15 -2.23 -21.55 -8.02
C PRO B 15 -2.37 -22.78 -7.12
N PRO B 16 -3.54 -22.95 -6.50
CA PRO B 16 -3.68 -23.98 -5.47
C PRO B 16 -3.69 -25.41 -6.03
N GLU B 17 -2.93 -26.30 -5.40
CA GLU B 17 -2.93 -27.72 -5.72
C GLU B 17 -3.18 -28.47 -4.42
N ASN B 18 -4.21 -29.31 -4.40
CA ASN B 18 -4.54 -30.03 -3.17
C ASN B 18 -3.36 -30.83 -2.65
N GLY B 19 -2.95 -30.56 -1.41
CA GLY B 19 -1.85 -31.29 -0.82
C GLY B 19 -0.49 -30.65 -1.00
N LYS B 20 -0.44 -29.49 -1.66
CA LYS B 20 0.80 -28.73 -1.77
C LYS B 20 0.75 -27.47 -0.92
N PRO B 21 1.76 -27.26 -0.07
CA PRO B 21 1.78 -26.10 0.82
C PRO B 21 1.69 -24.79 0.05
N ASN B 22 1.00 -23.82 0.63
CA ASN B 22 0.69 -22.56 -0.03
C ASN B 22 0.48 -21.48 1.03
N ILE B 23 0.12 -20.28 0.60
CA ILE B 23 -0.22 -19.20 1.51
C ILE B 23 -1.55 -18.64 1.11
N LEU B 24 -2.45 -18.48 2.07
CA LEU B 24 -3.73 -17.83 1.81
C LEU B 24 -3.63 -16.36 2.23
N ASN B 25 -4.00 -15.47 1.32
CA ASN B 25 -3.88 -14.03 1.52
C ASN B 25 -5.25 -13.39 1.56
N CYS B 26 -5.42 -12.41 2.45
CA CYS B 26 -6.59 -11.54 2.41
C CYS B 26 -6.09 -10.10 2.32
N TYR B 27 -6.22 -9.52 1.13
CA TYR B 27 -5.68 -8.20 0.87
C TYR B 27 -6.84 -7.22 0.83
N VAL B 28 -6.77 -6.22 1.71
CA VAL B 28 -7.88 -5.29 1.89
C VAL B 28 -7.42 -3.89 1.56
N THR B 29 -8.10 -3.24 0.63
CA THR B 29 -7.60 -1.99 0.06
C THR B 29 -8.63 -0.87 0.00
N GLN B 30 -8.14 0.35 -0.22
CA GLN B 30 -8.99 1.49 -0.56
C GLN B 30 -9.98 1.86 0.52
N PHE B 31 -9.56 1.74 1.78
CA PHE B 31 -10.46 2.04 2.88
C PHE B 31 -10.01 3.22 3.73
N HIS B 32 -10.99 3.88 4.36
CA HIS B 32 -10.73 4.93 5.33
C HIS B 32 -12.00 5.05 6.18
N PRO B 33 -11.84 5.23 7.50
CA PRO B 33 -10.59 5.42 8.25
C PRO B 33 -9.77 4.15 8.39
N PRO B 34 -8.57 4.25 8.97
CA PRO B 34 -7.66 3.10 9.05
C PRO B 34 -8.09 2.01 10.00
N HIS B 35 -8.87 2.31 11.03
CA HIS B 35 -9.26 1.26 11.98
C HIS B 35 -10.04 0.16 11.26
N ILE B 36 -9.60 -1.07 11.42
CA ILE B 36 -10.22 -2.20 10.72
C ILE B 36 -9.91 -3.50 11.44
N GLU B 37 -10.79 -4.49 11.29
CA GLU B 37 -10.58 -5.78 11.92
C GLU B 37 -10.72 -6.88 10.88
N ILE B 38 -9.69 -7.72 10.77
CA ILE B 38 -9.64 -8.78 9.76
C ILE B 38 -9.38 -10.13 10.39
N GLN B 39 -10.26 -11.10 10.11
CA GLN B 39 -10.04 -12.46 10.56
C GLN B 39 -10.11 -13.40 9.39
N MET B 40 -9.23 -14.40 9.38
CA MET B 40 -9.31 -15.46 8.38
C MET B 40 -9.96 -16.67 9.01
N LEU B 41 -10.85 -17.31 8.27
CA LEU B 41 -11.66 -18.39 8.80
C LEU B 41 -11.52 -19.67 7.98
N LYS B 42 -11.40 -20.79 8.67
CA LYS B 42 -11.40 -22.10 8.03
C LYS B 42 -12.63 -22.87 8.52
N ASN B 43 -13.53 -23.19 7.60
CA ASN B 43 -14.74 -23.88 7.98
C ASN B 43 -15.45 -23.13 9.11
N GLY B 44 -15.48 -21.80 8.98
CA GLY B 44 -16.24 -20.95 9.88
C GLY B 44 -15.55 -20.66 11.20
N LYS B 45 -14.38 -21.24 11.41
CA LYS B 45 -13.66 -21.08 12.66
C LYS B 45 -12.40 -20.22 12.47
N LYS B 46 -12.17 -19.30 13.39
CA LYS B 46 -11.03 -18.39 13.29
C LYS B 46 -9.70 -19.14 13.25
N ILE B 47 -8.83 -18.76 12.32
CA ILE B 47 -7.48 -19.31 12.23
C ILE B 47 -6.55 -18.53 13.16
N PRO B 48 -5.83 -19.25 14.04
CA PRO B 48 -5.03 -18.63 15.10
C PRO B 48 -3.73 -17.98 14.60
N LYS B 49 -3.09 -18.53 13.59
CA LYS B 49 -1.84 -17.94 13.12
C LYS B 49 -2.04 -17.04 11.90
N VAL B 50 -2.35 -15.77 12.15
CA VAL B 50 -2.54 -14.82 11.05
C VAL B 50 -1.72 -13.56 11.26
N GLU B 51 -0.93 -13.19 10.27
CA GLU B 51 -0.06 -12.02 10.36
C GLU B 51 -0.57 -10.89 9.47
N MET B 52 -0.31 -9.65 9.88
CA MET B 52 -0.65 -8.47 9.09
C MET B 52 0.60 -7.81 8.50
N SER B 53 0.50 -7.29 7.28
CA SER B 53 1.67 -6.67 6.64
C SER B 53 1.30 -5.78 5.46
N ASP B 54 2.31 -5.13 4.88
CA ASP B 54 2.13 -4.37 3.64
C ASP B 54 1.10 -3.24 3.73
N MET B 55 1.11 -2.51 4.84
CA MET B 55 0.26 -1.32 5.01
C MET B 55 0.82 -0.14 4.21
N SER B 56 -0.02 0.48 3.37
CA SER B 56 0.41 1.61 2.55
C SER B 56 -0.74 2.57 2.22
N PHE B 57 -0.43 3.68 1.55
CA PHE B 57 -1.46 4.56 1.01
C PHE B 57 -1.41 4.59 -0.50
N SER B 58 -2.58 4.67 -1.12
CA SER B 58 -2.65 4.96 -2.54
C SER B 58 -2.19 6.40 -2.80
N LYS B 59 -2.52 7.31 -1.90
CA LYS B 59 -2.48 8.74 -2.25
C LYS B 59 -3.14 9.38 -3.45
N ASP B 60 -4.37 9.00 -3.77
CA ASP B 60 -5.29 9.63 -2.81
C ASP B 60 -5.49 9.12 -1.37
N TRP B 61 -4.49 8.47 -0.79
CA TRP B 61 -4.38 8.31 0.67
C TRP B 61 -5.17 7.16 1.30
N SER B 62 -5.88 6.38 0.49
CA SER B 62 -6.65 5.27 1.04
C SER B 62 -5.71 4.18 1.57
N PHE B 63 -6.18 3.45 2.59
CA PHE B 63 -5.34 2.45 3.25
C PHE B 63 -5.38 1.07 2.57
N TYR B 64 -4.24 0.39 2.60
CA TYR B 64 -4.10 -0.95 2.07
C TYR B 64 -3.48 -1.81 3.17
N ILE B 65 -3.87 -3.07 3.28
CA ILE B 65 -3.31 -3.98 4.28
C ILE B 65 -3.47 -5.47 3.92
N LEU B 66 -2.51 -6.29 4.35
CA LEU B 66 -2.53 -7.73 4.05
C LEU B 66 -2.61 -8.61 5.29
N ALA B 67 -3.54 -9.55 5.30
CA ALA B 67 -3.52 -10.64 6.29
C ALA B 67 -3.15 -11.94 5.57
N HIS B 68 -2.36 -12.79 6.21
CA HIS B 68 -1.95 -14.03 5.54
C HIS B 68 -1.66 -15.16 6.51
N THR B 69 -1.79 -16.38 6.02
CA THR B 69 -1.60 -17.59 6.83
C THR B 69 -1.14 -18.73 5.92
N GLU B 70 -0.30 -19.62 6.44
CA GLU B 70 0.13 -20.81 5.70
C GLU B 70 -0.99 -21.83 5.68
N PHE B 71 -1.16 -22.51 4.57
CA PHE B 71 -2.18 -23.55 4.49
C PHE B 71 -1.90 -24.54 3.39
N THR B 72 -2.48 -25.73 3.50
CA THR B 72 -2.41 -26.71 2.43
C THR B 72 -3.85 -26.96 1.94
N PRO B 73 -4.12 -26.59 0.67
CA PRO B 73 -5.48 -26.73 0.11
C PRO B 73 -5.93 -28.18 0.12
N THR B 74 -7.22 -28.40 0.36
CA THR B 74 -7.82 -29.72 0.27
C THR B 74 -9.13 -29.59 -0.49
N GLU B 75 -9.70 -30.74 -0.85
CA GLU B 75 -10.97 -30.74 -1.57
C GLU B 75 -12.14 -30.31 -0.68
N THR B 76 -11.96 -30.40 0.64
CA THR B 76 -13.09 -30.29 1.56
C THR B 76 -13.12 -29.08 2.47
N ASP B 77 -12.03 -28.31 2.53
CA ASP B 77 -11.96 -27.18 3.45
C ASP B 77 -12.45 -25.89 2.80
N THR B 78 -13.17 -25.09 3.58
CA THR B 78 -13.69 -23.81 3.11
C THR B 78 -12.99 -22.67 3.82
N TYR B 79 -12.46 -21.72 3.05
CA TYR B 79 -11.73 -20.58 3.62
C TYR B 79 -12.44 -19.27 3.33
N ALA B 80 -12.36 -18.35 4.28
CA ALA B 80 -12.94 -17.03 4.10
C ALA B 80 -12.16 -15.97 4.86
N CYS B 81 -12.44 -14.71 4.53
CA CYS B 81 -11.86 -13.59 5.24
C CYS B 81 -13.00 -12.68 5.64
N ARG B 82 -13.04 -12.31 6.92
CA ARG B 82 -14.12 -11.50 7.45
C ARG B 82 -13.59 -10.16 7.94
N VAL B 83 -14.20 -9.09 7.46
CA VAL B 83 -13.68 -7.75 7.67
C VAL B 83 -14.75 -6.84 8.25
N LYS B 84 -14.43 -6.20 9.37
CA LYS B 84 -15.33 -5.21 9.97
C LYS B 84 -14.70 -3.83 9.86
N HIS B 85 -15.48 -2.88 9.36
CA HIS B 85 -15.01 -1.52 9.14
C HIS B 85 -16.17 -0.56 9.32
N ALA B 86 -15.89 0.64 9.81
CA ALA B 86 -16.91 1.65 10.10
C ALA B 86 -17.83 1.89 8.91
N SER B 87 -17.30 1.75 7.71
CA SER B 87 -18.03 2.04 6.48
C SER B 87 -19.09 1.00 6.19
N MET B 88 -19.07 -0.10 6.94
CA MET B 88 -20.03 -1.18 6.73
C MET B 88 -20.84 -1.46 8.00
N ALA B 89 -22.15 -1.56 7.82
CA ALA B 89 -23.06 -1.81 8.94
C ALA B 89 -22.68 -3.10 9.68
N GLU B 90 -22.30 -4.12 8.94
CA GLU B 90 -21.89 -5.37 9.55
C GLU B 90 -20.63 -5.91 8.90
N PRO B 91 -19.91 -6.79 9.61
CA PRO B 91 -18.68 -7.37 9.04
C PRO B 91 -19.01 -8.10 7.76
N LYS B 92 -18.09 -8.05 6.80
CA LYS B 92 -18.28 -8.68 5.50
C LYS B 92 -17.40 -9.92 5.42
N THR B 93 -18.01 -11.07 5.12
CA THR B 93 -17.27 -12.32 4.97
C THR B 93 -17.16 -12.68 3.50
N VAL B 94 -15.93 -12.82 3.01
CA VAL B 94 -15.68 -13.10 1.60
C VAL B 94 -14.98 -14.43 1.47
N TYR B 95 -15.54 -15.33 0.67
CA TYR B 95 -14.98 -16.67 0.52
C TYR B 95 -13.89 -16.75 -0.53
N TRP B 96 -12.97 -17.68 -0.33
CA TRP B 96 -11.93 -17.95 -1.29
C TRP B 96 -12.53 -18.65 -2.50
N ASP B 97 -12.26 -18.10 -3.68
CA ASP B 97 -12.68 -18.70 -4.93
C ASP B 97 -11.44 -19.13 -5.67
N ARG B 98 -11.22 -20.44 -5.75
CA ARG B 98 -9.96 -20.96 -6.31
C ARG B 98 -9.98 -21.22 -7.81
N ASP B 99 -11.13 -21.02 -8.45
CA ASP B 99 -11.31 -21.36 -9.86
C ASP B 99 -11.57 -20.14 -10.74
N MET B 100 -10.77 -19.09 -10.54
CA MET B 100 -10.89 -17.87 -11.36
C MET B 100 -9.92 -17.92 -12.55
N ARG C 1 17.01 5.67 5.74
CA ARG C 1 16.74 6.44 6.95
C ARG C 1 15.53 7.33 6.70
N GLY C 2 14.67 7.47 7.71
CA GLY C 2 13.39 8.15 7.55
C GLY C 2 13.39 9.64 7.83
N PRO C 3 12.27 10.31 7.55
CA PRO C 3 12.18 11.77 7.65
C PRO C 3 11.82 12.24 9.07
N GLY C 4 12.30 13.42 9.44
CA GLY C 4 12.04 13.97 10.76
C GLY C 4 11.15 15.21 10.70
N ARG C 5 10.18 15.30 11.62
CA ARG C 5 9.29 16.47 11.64
C ARG C 5 10.02 17.68 12.23
N ALA C 6 11.04 17.42 13.04
CA ALA C 6 11.84 18.48 13.65
C ALA C 6 10.99 19.46 14.45
N PHE C 7 9.87 18.97 14.96
CA PHE C 7 9.01 19.77 15.82
C PHE C 7 8.47 21.01 15.11
N VAL C 8 8.38 20.91 13.78
CA VAL C 8 7.71 21.92 12.98
C VAL C 8 6.28 21.44 12.72
N THR C 9 5.35 22.01 13.46
CA THR C 9 3.98 21.52 13.50
C THR C 9 3.09 22.32 12.56
N ILE C 10 1.94 21.75 12.19
CA ILE C 10 1.03 22.39 11.22
C ILE C 10 0.38 23.68 11.77
#